data_6QJT
#
_entry.id   6QJT
#
_cell.length_a   1.000
_cell.length_b   1.000
_cell.length_c   1.000
_cell.angle_alpha   90.00
_cell.angle_beta   90.00
_cell.angle_gamma   90.00
#
_symmetry.space_group_name_H-M   'P 1'
#
_entity_poly.entity_id   1
_entity_poly.type   'polypeptide(L)'
_entity_poly.pdbx_seq_one_letter_code
;MAKRGRKPKELVPGPGSIDPSDVPKLEGASVPVMSTSYDVVVDREFDELLQGKDGLLVYHKMLSDGTVKNALNYIFGRIR
SAKWYVEPASTDPEDIAIAAFIHAQLGIDDASVGKYPFGRLFAIYENAYIYGMAAGEIVLTLGADGKLILDKIVPIHPFN
IDEVLYDEEGGPKALKLSGEVKGGSQFVNGLEIPIWKTVVFLHNDDGSFTGQSALRAAVPHWLAKRALILLINHGLERFM
IGVPTLTIPKSVRQGTKQWEAAKEIVKNFVQKPRHGIILPDDWKFDTVDLKSAMPDAIPYLTYHDAGIARALGIDFNTVQ
LNMGVQAVNIGEFVSLTQQTIISLQREFASAVNLYLIPKLVLPNWPGATRFPRLTFEMEERNDFSAAANLMGMLINAVKD
SEDIPTELKALIDALPSKMRRALGVVDEVREAVRQPADSRYLYTRRRR
;
_entity_poly.pdbx_strand_id   A
#
# COMPACT_ATOMS: atom_id res chain seq x y z
N LEU A 26 -17.43 -23.38 -29.89
CA LEU A 26 -17.29 -22.04 -30.45
C LEU A 26 -15.93 -21.87 -31.11
N GLU A 27 -15.81 -20.82 -31.93
CA GLU A 27 -14.55 -20.51 -32.59
C GLU A 27 -13.61 -19.81 -31.62
N GLY A 28 -14.02 -18.64 -31.14
CA GLY A 28 -13.19 -17.89 -30.22
C GLY A 28 -13.83 -16.59 -29.83
N ALA A 29 -13.05 -15.75 -29.18
CA ALA A 29 -13.51 -14.45 -28.69
C ALA A 29 -13.56 -13.48 -29.86
N SER A 30 -14.76 -13.23 -30.39
CA SER A 30 -14.93 -12.23 -31.42
C SER A 30 -15.18 -10.84 -30.85
N VAL A 31 -15.10 -10.68 -29.53
CA VAL A 31 -15.40 -9.41 -28.88
C VAL A 31 -14.12 -8.87 -28.26
N PRO A 32 -13.64 -7.71 -28.67
CA PRO A 32 -12.38 -7.20 -28.17
C PRO A 32 -12.53 -6.61 -26.77
N VAL A 33 -11.40 -6.48 -26.09
CA VAL A 33 -11.35 -5.85 -24.77
C VAL A 33 -11.45 -4.34 -25.00
N MET A 34 -12.61 -3.78 -24.69
CA MET A 34 -12.87 -2.38 -24.99
C MET A 34 -12.35 -1.49 -23.88
N SER A 35 -12.10 -0.22 -24.23
CA SER A 35 -11.64 0.75 -23.25
C SER A 35 -12.76 1.11 -22.28
N THR A 36 -12.38 1.69 -21.15
CA THR A 36 -13.32 2.26 -20.20
C THR A 36 -13.56 3.74 -20.47
N SER A 37 -13.38 4.18 -21.70
CA SER A 37 -13.37 5.59 -22.01
C SER A 37 -14.75 6.09 -22.41
N TYR A 38 -14.99 7.36 -22.12
CA TYR A 38 -16.18 8.08 -22.54
C TYR A 38 -15.71 9.47 -22.95
N ASP A 39 -16.61 10.44 -23.10
CA ASP A 39 -16.21 11.72 -23.64
C ASP A 39 -15.38 12.53 -22.66
N VAL A 40 -15.66 12.42 -21.38
CA VAL A 40 -14.88 13.06 -20.34
C VAL A 40 -14.01 12.06 -19.61
N VAL A 41 -14.58 10.93 -19.19
CA VAL A 41 -13.83 9.89 -18.51
C VAL A 41 -13.01 9.14 -19.55
N VAL A 42 -11.69 9.18 -19.43
CA VAL A 42 -10.78 8.48 -20.32
C VAL A 42 -9.88 7.61 -19.46
N ASP A 43 -10.02 6.28 -19.63
CA ASP A 43 -9.22 5.26 -18.96
C ASP A 43 -9.30 5.38 -17.43
N ARG A 44 -10.51 5.19 -16.91
CA ARG A 44 -10.86 5.18 -15.50
C ARG A 44 -10.61 6.50 -14.78
N GLU A 45 -10.35 7.58 -15.52
CA GLU A 45 -10.03 8.87 -14.92
C GLU A 45 -10.80 9.97 -15.63
N PHE A 46 -11.28 10.93 -14.86
CA PHE A 46 -12.00 12.08 -15.41
C PHE A 46 -11.30 13.40 -15.13
N ASP A 47 -10.47 13.49 -14.11
CA ASP A 47 -9.76 14.71 -13.81
C ASP A 47 -8.56 14.84 -14.73
N GLU A 48 -8.39 16.02 -15.33
CA GLU A 48 -7.24 16.26 -16.18
C GLU A 48 -5.95 16.37 -15.40
N LEU A 49 -6.04 16.75 -14.11
CA LEU A 49 -4.84 16.81 -13.28
C LEU A 49 -4.32 15.43 -12.96
N LEU A 50 -5.22 14.46 -12.80
CA LEU A 50 -4.84 13.08 -12.54
C LEU A 50 -4.94 12.22 -13.79
N GLN A 51 -4.86 12.83 -14.97
CA GLN A 51 -5.19 12.12 -16.20
C GLN A 51 -4.04 11.20 -16.62
N GLY A 52 -2.89 11.77 -16.94
CA GLY A 52 -1.78 10.98 -17.42
C GLY A 52 -0.76 10.67 -16.34
N LYS A 53 0.51 10.92 -16.61
CA LYS A 53 1.55 10.73 -15.61
C LYS A 53 1.60 11.85 -14.59
N ASP A 54 0.81 12.91 -14.76
CA ASP A 54 0.75 13.95 -13.75
C ASP A 54 0.05 13.46 -12.49
N GLY A 55 -0.85 12.49 -12.63
CA GLY A 55 -1.44 11.88 -11.45
C GLY A 55 -0.44 11.06 -10.66
N LEU A 56 0.59 10.55 -11.33
CA LEU A 56 1.65 9.84 -10.62
C LEU A 56 2.45 10.78 -9.74
N LEU A 57 2.58 12.05 -10.14
CA LEU A 57 3.21 13.04 -9.27
C LEU A 57 2.41 13.27 -8.01
N VAL A 58 1.08 13.33 -8.12
CA VAL A 58 0.25 13.52 -6.95
C VAL A 58 0.29 12.29 -6.06
N TYR A 59 0.30 11.10 -6.67
CA TYR A 59 0.39 9.86 -5.92
C TYR A 59 1.74 9.71 -5.24
N HIS A 60 2.80 10.27 -5.81
CA HIS A 60 4.08 10.23 -5.13
C HIS A 60 4.16 11.28 -4.03
N LYS A 61 3.57 12.45 -4.25
CA LYS A 61 3.59 13.50 -3.23
C LYS A 61 2.72 13.16 -2.04
N MET A 62 1.71 12.30 -2.22
CA MET A 62 0.91 11.87 -1.08
C MET A 62 1.64 10.91 -0.15
N LEU A 63 2.83 10.43 -0.54
CA LEU A 63 3.64 9.62 0.35
C LEU A 63 4.30 10.45 1.45
N SER A 64 4.24 11.77 1.37
CA SER A 64 4.78 12.66 2.38
C SER A 64 3.79 12.95 3.50
N ASP A 65 2.67 12.25 3.54
CA ASP A 65 1.68 12.44 4.59
C ASP A 65 1.98 11.48 5.73
N GLY A 66 1.68 11.94 6.95
CA GLY A 66 1.80 11.05 8.09
C GLY A 66 0.76 9.94 8.08
N THR A 67 -0.48 10.30 7.75
CA THR A 67 -1.57 9.34 7.76
C THR A 67 -1.41 8.30 6.65
N VAL A 68 -1.06 8.77 5.45
CA VAL A 68 -0.94 7.87 4.30
C VAL A 68 0.23 6.93 4.48
N LYS A 69 1.37 7.43 4.92
CA LYS A 69 2.53 6.57 5.12
C LYS A 69 2.32 5.62 6.30
N ASN A 70 1.57 6.05 7.32
CA ASN A 70 1.26 5.16 8.43
C ASN A 70 0.39 4.01 7.98
N ALA A 71 -0.67 4.31 7.22
CA ALA A 71 -1.57 3.27 6.76
C ALA A 71 -0.88 2.34 5.78
N LEU A 72 0.00 2.88 4.93
CA LEU A 72 0.72 2.03 3.99
C LEU A 72 1.74 1.14 4.69
N ASN A 73 2.41 1.67 5.72
CA ASN A 73 3.37 0.85 6.46
C ASN A 73 2.66 -0.26 7.22
N TYR A 74 1.50 0.04 7.82
CA TYR A 74 0.76 -1.01 8.52
C TYR A 74 0.23 -2.07 7.56
N ILE A 75 -0.35 -1.64 6.43
CA ILE A 75 -0.95 -2.58 5.50
C ILE A 75 0.12 -3.44 4.84
N PHE A 76 1.23 -2.83 4.43
CA PHE A 76 2.25 -3.62 3.75
C PHE A 76 3.03 -4.50 4.72
N GLY A 77 3.26 -4.04 5.95
CA GLY A 77 3.83 -4.93 6.95
C GLY A 77 2.95 -6.07 7.33
N ARG A 78 1.64 -5.87 7.35
CA ARG A 78 0.71 -6.95 7.62
C ARG A 78 0.58 -7.90 6.45
N ILE A 79 0.74 -7.43 5.22
CA ILE A 79 0.88 -8.32 4.08
C ILE A 79 2.16 -9.16 4.17
N ARG A 80 3.28 -8.55 4.58
CA ARG A 80 4.55 -9.27 4.60
C ARG A 80 4.66 -10.32 5.71
N SER A 81 3.65 -10.47 6.57
CA SER A 81 3.68 -11.48 7.63
C SER A 81 2.41 -12.31 7.58
N ALA A 82 2.06 -12.78 6.39
CA ALA A 82 0.78 -13.45 6.17
C ALA A 82 0.85 -14.96 6.37
N LYS A 83 2.04 -15.51 6.63
CA LYS A 83 2.31 -16.95 6.71
C LYS A 83 1.86 -17.66 5.42
N TRP A 84 2.53 -17.28 4.34
CA TRP A 84 2.26 -17.86 3.04
C TRP A 84 2.70 -19.31 3.01
N TYR A 85 2.02 -20.11 2.19
CA TYR A 85 2.45 -21.48 1.96
C TYR A 85 2.06 -21.90 0.56
N VAL A 86 2.93 -22.66 -0.08
CA VAL A 86 2.63 -23.21 -1.40
C VAL A 86 1.65 -24.37 -1.23
N GLU A 87 0.53 -24.28 -1.90
CA GLU A 87 -0.35 -25.44 -1.88
C GLU A 87 -0.23 -26.18 -3.20
N PRO A 88 0.01 -27.49 -3.17
CA PRO A 88 0.16 -28.25 -4.42
C PRO A 88 -1.20 -28.51 -5.06
N ALA A 89 -1.15 -29.11 -6.25
CA ALA A 89 -2.37 -29.46 -6.97
C ALA A 89 -3.08 -30.64 -6.32
N SER A 90 -2.42 -31.79 -6.27
CA SER A 90 -3.00 -32.97 -5.66
C SER A 90 -2.01 -33.61 -4.69
N THR A 91 -2.33 -34.81 -4.21
CA THR A 91 -1.47 -35.53 -3.29
C THR A 91 -0.47 -36.40 -4.05
N ASP A 92 -0.42 -36.26 -5.37
CA ASP A 92 0.55 -36.99 -6.17
C ASP A 92 1.95 -36.45 -5.93
N PRO A 93 2.97 -37.33 -5.93
CA PRO A 93 4.35 -36.88 -5.67
C PRO A 93 4.92 -35.97 -6.74
N GLU A 94 4.37 -35.99 -7.96
CA GLU A 94 4.81 -35.05 -8.99
C GLU A 94 4.36 -33.63 -8.64
N ASP A 95 3.12 -33.48 -8.16
CA ASP A 95 2.62 -32.19 -7.75
C ASP A 95 3.36 -31.66 -6.52
N ILE A 96 3.66 -32.55 -5.56
CA ILE A 96 4.42 -32.15 -4.40
C ILE A 96 5.85 -31.78 -4.79
N ALA A 97 6.41 -32.49 -5.78
CA ALA A 97 7.75 -32.20 -6.26
C ALA A 97 7.83 -30.83 -6.93
N ILE A 98 6.89 -30.53 -7.82
CA ILE A 98 6.92 -29.22 -8.46
C ILE A 98 6.51 -28.10 -7.51
N ALA A 99 5.70 -28.42 -6.48
CA ALA A 99 5.35 -27.42 -5.48
C ALA A 99 6.56 -27.05 -4.63
N ALA A 100 7.33 -28.06 -4.21
CA ALA A 100 8.57 -27.79 -3.48
C ALA A 100 9.60 -27.12 -4.37
N PHE A 101 9.57 -27.44 -5.67
CA PHE A 101 10.43 -26.77 -6.64
C PHE A 101 10.17 -25.27 -6.66
N ILE A 102 8.92 -24.88 -6.92
CA ILE A 102 8.62 -23.44 -6.99
C ILE A 102 8.66 -22.79 -5.62
N HIS A 103 8.52 -23.56 -4.54
CA HIS A 103 8.77 -23.03 -3.20
C HIS A 103 10.23 -22.67 -3.02
N ALA A 104 11.13 -23.52 -3.52
CA ALA A 104 12.55 -23.15 -3.52
C ALA A 104 12.84 -22.01 -4.46
N GLN A 105 12.06 -21.87 -5.53
CA GLN A 105 12.25 -20.76 -6.45
C GLN A 105 11.84 -19.44 -5.80
N LEU A 106 10.75 -19.44 -5.04
CA LEU A 106 10.30 -18.22 -4.40
C LEU A 106 11.02 -17.97 -3.08
N GLY A 107 11.22 -19.01 -2.28
CA GLY A 107 11.80 -18.81 -0.98
C GLY A 107 10.81 -18.19 -0.02
N ILE A 108 9.78 -18.94 0.34
CA ILE A 108 8.80 -18.46 1.30
C ILE A 108 9.43 -18.33 2.68
N ASP A 109 10.21 -19.33 3.08
CA ASP A 109 11.22 -19.16 4.12
C ASP A 109 12.18 -18.06 3.65
N ASP A 110 12.49 -17.16 4.58
CA ASP A 110 12.94 -15.77 4.35
C ASP A 110 14.14 -15.71 3.42
N ALA A 111 15.25 -16.38 3.69
CA ALA A 111 16.42 -16.24 2.85
C ALA A 111 16.71 -17.51 2.06
N SER A 112 17.49 -17.35 1.00
CA SER A 112 17.98 -18.43 0.17
C SER A 112 19.19 -17.91 -0.61
N VAL A 113 19.69 -18.75 -1.52
CA VAL A 113 20.82 -18.35 -2.36
C VAL A 113 20.38 -17.46 -3.52
N GLY A 114 19.09 -17.43 -3.85
CA GLY A 114 18.56 -16.67 -4.96
C GLY A 114 18.36 -15.19 -4.73
N LYS A 115 18.95 -14.65 -3.65
CA LYS A 115 18.98 -13.21 -3.35
C LYS A 115 17.57 -12.64 -3.14
N TYR A 116 16.68 -13.46 -2.56
CA TYR A 116 15.37 -13.05 -2.06
C TYR A 116 14.47 -12.39 -3.11
N PRO A 117 13.94 -13.16 -4.06
CA PRO A 117 13.09 -12.54 -5.09
C PRO A 117 11.70 -12.23 -4.59
N PHE A 118 11.30 -12.81 -3.46
CA PHE A 118 9.91 -12.75 -3.05
C PHE A 118 9.56 -11.39 -2.46
N GLY A 119 10.54 -10.69 -1.91
CA GLY A 119 10.29 -9.33 -1.43
C GLY A 119 10.29 -8.32 -2.56
N ARG A 120 10.93 -8.67 -3.68
CA ARG A 120 10.84 -7.83 -4.86
C ARG A 120 9.42 -7.83 -5.42
N LEU A 121 8.72 -8.96 -5.26
CA LEU A 121 7.31 -9.03 -5.61
C LEU A 121 6.48 -8.12 -4.72
N PHE A 122 6.84 -8.03 -3.45
CA PHE A 122 6.18 -7.10 -2.54
C PHE A 122 6.44 -5.66 -2.93
N ALA A 123 7.67 -5.37 -3.38
CA ALA A 123 7.98 -4.01 -3.83
C ALA A 123 7.20 -3.65 -5.09
N ILE A 124 7.09 -4.58 -6.03
CA ILE A 124 6.31 -4.35 -7.23
C ILE A 124 4.84 -4.19 -6.88
N TYR A 125 4.37 -4.97 -5.91
CA TYR A 125 2.96 -4.90 -5.54
C TYR A 125 2.65 -3.59 -4.82
N GLU A 126 3.57 -3.10 -4.01
CA GLU A 126 3.29 -1.83 -3.34
C GLU A 126 3.39 -0.66 -4.30
N ASN A 127 4.26 -0.76 -5.32
CA ASN A 127 4.25 0.25 -6.38
C ASN A 127 2.94 0.20 -7.17
N ALA A 128 2.41 -1.01 -7.40
CA ALA A 128 1.15 -1.12 -8.10
C ALA A 128 -0.03 -0.72 -7.23
N TYR A 129 0.14 -0.76 -5.92
CA TYR A 129 -0.92 -0.27 -5.03
C TYR A 129 -0.93 1.25 -4.99
N ILE A 130 0.24 1.86 -5.01
CA ILE A 130 0.32 3.31 -4.98
C ILE A 130 -0.07 3.91 -6.33
N TYR A 131 0.45 3.35 -7.42
CA TYR A 131 0.34 3.99 -8.72
C TYR A 131 -0.67 3.36 -9.65
N GLY A 132 -1.14 2.15 -9.36
CA GLY A 132 -2.13 1.49 -10.18
C GLY A 132 -1.57 0.38 -11.06
N MET A 133 -0.33 0.51 -11.51
CA MET A 133 0.26 -0.49 -12.39
C MET A 133 1.77 -0.52 -12.19
N ALA A 134 2.30 -1.69 -11.86
CA ALA A 134 3.74 -1.86 -11.77
C ALA A 134 4.09 -3.24 -12.31
N ALA A 135 5.36 -3.41 -12.64
CA ALA A 135 5.79 -4.63 -13.31
C ALA A 135 7.22 -4.97 -12.91
N GLY A 136 7.67 -6.12 -13.37
CA GLY A 136 9.03 -6.57 -13.10
C GLY A 136 9.44 -7.64 -14.07
N GLU A 137 10.75 -7.85 -14.17
CA GLU A 137 11.30 -8.82 -15.09
C GLU A 137 11.46 -10.18 -14.42
N ILE A 138 11.52 -11.21 -15.26
CA ILE A 138 11.73 -12.58 -14.81
C ILE A 138 12.99 -13.08 -15.49
N VAL A 139 14.07 -13.17 -14.73
CA VAL A 139 15.34 -13.64 -15.27
C VAL A 139 15.46 -15.13 -14.98
N LEU A 140 15.58 -15.92 -16.04
CA LEU A 140 15.61 -17.38 -15.92
C LEU A 140 16.93 -17.90 -16.47
N THR A 141 17.93 -17.99 -15.60
CA THR A 141 19.16 -18.66 -15.97
C THR A 141 18.97 -20.17 -15.86
N LEU A 142 19.95 -20.91 -16.36
CA LEU A 142 19.90 -22.36 -16.33
C LEU A 142 20.62 -22.87 -15.09
N GLY A 143 19.91 -23.63 -14.26
CA GLY A 143 20.51 -24.24 -13.11
C GLY A 143 21.41 -25.40 -13.48
N ALA A 144 22.20 -25.84 -12.49
CA ALA A 144 23.15 -26.93 -12.73
C ALA A 144 22.45 -28.27 -12.89
N ASP A 145 21.23 -28.41 -12.37
CA ASP A 145 20.48 -29.66 -12.46
C ASP A 145 19.61 -29.75 -13.71
N GLY A 146 19.88 -28.92 -14.71
CA GLY A 146 19.08 -28.90 -15.92
C GLY A 146 17.75 -28.20 -15.79
N LYS A 147 17.45 -27.61 -14.64
CA LYS A 147 16.20 -26.93 -14.41
C LYS A 147 16.40 -25.43 -14.55
N LEU A 148 15.36 -24.74 -15.03
CA LEU A 148 15.44 -23.29 -15.19
C LEU A 148 15.20 -22.64 -13.84
N ILE A 149 16.30 -22.31 -13.17
CA ILE A 149 16.23 -21.60 -11.90
C ILE A 149 15.76 -20.17 -12.13
N LEU A 150 14.92 -19.67 -11.23
CA LEU A 150 14.58 -18.25 -11.21
C LEU A 150 15.76 -17.50 -10.61
N ASP A 151 16.47 -16.75 -11.45
CA ASP A 151 17.71 -16.13 -11.00
C ASP A 151 17.44 -14.87 -10.18
N LYS A 152 16.80 -13.88 -10.80
CA LYS A 152 16.52 -12.63 -10.10
C LYS A 152 15.26 -12.01 -10.69
N ILE A 153 14.66 -11.11 -9.90
CA ILE A 153 13.53 -10.32 -10.33
C ILE A 153 13.86 -8.87 -10.03
N VAL A 154 13.93 -8.04 -11.06
CA VAL A 154 14.21 -6.62 -10.92
C VAL A 154 12.90 -5.86 -11.08
N PRO A 155 12.62 -4.86 -10.27
CA PRO A 155 11.38 -4.10 -10.40
C PRO A 155 11.43 -3.13 -11.56
N ILE A 156 10.25 -2.69 -11.97
CA ILE A 156 10.11 -1.66 -12.99
C ILE A 156 9.18 -0.60 -12.40
N HIS A 157 9.73 0.55 -12.12
CA HIS A 157 8.93 1.60 -11.50
C HIS A 157 8.03 2.26 -12.55
N PRO A 158 6.79 2.60 -12.21
CA PRO A 158 5.87 3.16 -13.21
C PRO A 158 6.19 4.58 -13.66
N PHE A 159 7.16 5.26 -13.05
CA PHE A 159 7.67 6.48 -13.63
C PHE A 159 8.38 6.22 -14.95
N ASN A 160 9.00 5.05 -15.09
CA ASN A 160 9.78 4.73 -16.26
C ASN A 160 8.93 4.13 -17.37
N ILE A 161 7.69 3.74 -17.07
CA ILE A 161 6.79 3.16 -18.05
C ILE A 161 6.05 4.29 -18.75
N ASP A 162 6.21 4.38 -20.06
CA ASP A 162 5.44 5.36 -20.83
C ASP A 162 4.09 4.81 -21.24
N GLU A 163 4.10 3.73 -22.02
CA GLU A 163 2.86 3.11 -22.48
C GLU A 163 2.99 1.60 -22.37
N VAL A 164 1.86 0.93 -22.57
CA VAL A 164 1.80 -0.52 -22.69
C VAL A 164 1.16 -0.85 -24.03
N LEU A 165 1.76 -1.76 -24.77
CA LEU A 165 1.21 -2.10 -26.07
C LEU A 165 0.02 -3.03 -25.92
N TYR A 166 -0.72 -3.19 -27.01
CA TYR A 166 -1.94 -3.98 -26.96
C TYR A 166 -2.09 -4.83 -28.20
N ASP A 167 -2.73 -5.98 -28.01
CA ASP A 167 -3.09 -6.86 -29.11
C ASP A 167 -4.29 -6.27 -29.84
N GLU A 168 -4.57 -6.81 -31.02
CA GLU A 168 -5.72 -6.36 -31.80
C GLU A 168 -7.05 -6.75 -31.17
N GLU A 169 -7.05 -7.76 -30.30
CA GLU A 169 -8.25 -8.15 -29.57
C GLU A 169 -8.41 -7.41 -28.25
N GLY A 170 -7.68 -6.31 -28.06
CA GLY A 170 -7.83 -5.48 -26.88
C GLY A 170 -6.94 -5.86 -25.72
N GLY A 171 -6.47 -7.10 -25.67
CA GLY A 171 -5.56 -7.53 -24.62
C GLY A 171 -4.20 -6.91 -24.81
N PRO A 172 -3.37 -6.92 -23.76
CA PRO A 172 -2.06 -6.28 -23.85
C PRO A 172 -1.08 -7.14 -24.63
N LYS A 173 -0.09 -6.48 -25.21
CA LYS A 173 0.91 -7.14 -26.05
C LYS A 173 2.32 -7.02 -25.50
N ALA A 174 2.78 -5.80 -25.22
CA ALA A 174 4.15 -5.59 -24.78
C ALA A 174 4.21 -4.32 -23.94
N LEU A 175 5.35 -4.09 -23.31
CA LEU A 175 5.55 -2.97 -22.40
C LEU A 175 6.60 -2.04 -22.97
N LYS A 176 6.23 -0.78 -23.16
CA LYS A 176 7.14 0.24 -23.70
C LYS A 176 7.77 1.00 -22.54
N LEU A 177 9.10 0.99 -22.48
CA LEU A 177 9.83 1.57 -21.37
C LEU A 177 10.81 2.62 -21.86
N SER A 178 10.97 3.66 -21.05
CA SER A 178 11.98 4.69 -21.31
C SER A 178 12.32 5.35 -19.98
N GLY A 179 13.51 5.09 -19.47
CA GLY A 179 13.92 5.59 -18.17
C GLY A 179 15.37 6.01 -18.20
N GLU A 180 16.01 5.99 -17.03
CA GLU A 180 17.39 6.40 -16.88
C GLU A 180 18.12 5.39 -16.00
N VAL A 181 19.22 4.84 -16.51
CA VAL A 181 20.07 3.97 -15.72
C VAL A 181 20.75 4.80 -14.64
N LYS A 182 20.80 4.25 -13.43
CA LYS A 182 21.40 4.97 -12.30
C LYS A 182 22.90 5.16 -12.49
N GLY A 183 23.41 6.25 -11.94
CA GLY A 183 24.74 6.70 -12.23
C GLY A 183 24.85 7.54 -13.48
N GLY A 184 23.74 7.85 -14.13
CA GLY A 184 23.76 8.64 -15.35
C GLY A 184 24.42 7.95 -16.52
N SER A 185 24.35 6.62 -16.57
CA SER A 185 25.07 5.87 -17.59
C SER A 185 24.38 5.95 -18.95
N GLN A 186 23.17 5.44 -19.03
CA GLN A 186 22.42 5.42 -20.28
C GLN A 186 21.07 6.10 -20.12
N PHE A 187 20.57 6.63 -21.22
CA PHE A 187 19.21 7.16 -21.30
C PHE A 187 18.44 6.19 -22.20
N VAL A 188 17.91 5.13 -21.61
CA VAL A 188 17.19 4.13 -22.37
C VAL A 188 15.86 4.71 -22.85
N ASN A 189 15.51 4.42 -24.10
CA ASN A 189 14.38 5.07 -24.74
C ASN A 189 13.65 4.06 -25.61
N GLY A 190 12.35 3.94 -25.40
CA GLY A 190 11.49 3.13 -26.25
C GLY A 190 11.75 1.64 -26.19
N LEU A 191 12.24 1.14 -25.06
CA LEU A 191 12.58 -0.27 -24.95
C LEU A 191 11.30 -1.09 -24.79
N GLU A 192 10.98 -1.89 -25.80
CA GLU A 192 9.76 -2.67 -25.81
C GLU A 192 10.05 -4.08 -25.29
N ILE A 193 9.27 -4.52 -24.31
CA ILE A 193 9.48 -5.78 -23.61
C ILE A 193 8.20 -6.59 -23.71
N PRO A 194 8.25 -7.84 -24.16
CA PRO A 194 7.04 -8.66 -24.19
C PRO A 194 6.59 -9.03 -22.80
N ILE A 195 5.32 -9.48 -22.72
CA ILE A 195 4.73 -9.76 -21.42
C ILE A 195 5.20 -11.09 -20.87
N TRP A 196 5.44 -12.07 -21.74
CA TRP A 196 5.76 -13.43 -21.30
C TRP A 196 7.14 -13.54 -20.65
N LYS A 197 7.94 -12.48 -20.66
CA LYS A 197 9.13 -12.39 -19.84
C LYS A 197 8.89 -11.61 -18.54
N THR A 198 7.70 -11.05 -18.35
CA THR A 198 7.44 -10.15 -17.24
C THR A 198 6.25 -10.62 -16.41
N VAL A 199 6.05 -9.93 -15.29
CA VAL A 199 4.87 -10.07 -14.45
C VAL A 199 4.29 -8.68 -14.28
N VAL A 200 2.96 -8.57 -14.31
CA VAL A 200 2.28 -7.28 -14.20
C VAL A 200 1.28 -7.36 -13.06
N PHE A 201 1.43 -6.46 -12.10
CA PHE A 201 0.50 -6.36 -10.99
C PHE A 201 -0.47 -5.20 -11.21
N LEU A 202 -1.71 -5.40 -10.83
CA LEU A 202 -2.74 -4.36 -10.94
C LEU A 202 -3.58 -4.34 -9.67
N HIS A 203 -3.93 -3.14 -9.23
CA HIS A 203 -4.92 -2.95 -8.18
C HIS A 203 -6.26 -2.67 -8.82
N ASN A 204 -7.31 -3.27 -8.22
CA ASN A 204 -8.74 -3.27 -8.56
C ASN A 204 -9.02 -3.20 -10.06
N ASP A 205 -8.37 -4.11 -10.80
CA ASP A 205 -8.54 -4.22 -12.24
C ASP A 205 -9.99 -4.55 -12.57
N ASP A 206 -10.47 -3.98 -13.67
CA ASP A 206 -11.84 -4.17 -14.10
C ASP A 206 -11.98 -5.35 -15.04
N GLY A 207 -10.98 -6.23 -15.08
CA GLY A 207 -10.92 -7.31 -16.04
C GLY A 207 -10.50 -6.89 -17.43
N SER A 208 -10.27 -5.60 -17.65
CA SER A 208 -9.94 -5.05 -18.96
C SER A 208 -8.51 -4.58 -19.06
N PHE A 209 -7.66 -4.93 -18.08
CA PHE A 209 -6.25 -4.52 -17.98
C PHE A 209 -6.14 -2.99 -17.93
N THR A 210 -6.68 -2.44 -16.84
CA THR A 210 -6.49 -1.02 -16.53
C THR A 210 -6.50 -0.89 -15.02
N GLY A 211 -5.34 -0.61 -14.45
CA GLY A 211 -5.21 -0.53 -13.01
C GLY A 211 -5.38 0.86 -12.44
N GLN A 212 -6.53 1.13 -11.86
CA GLN A 212 -6.71 2.37 -11.11
C GLN A 212 -5.95 2.26 -9.80
N SER A 213 -5.34 3.37 -9.39
CA SER A 213 -4.62 3.39 -8.13
C SER A 213 -5.59 3.37 -6.96
N ALA A 214 -5.06 3.03 -5.79
CA ALA A 214 -5.86 2.97 -4.58
C ALA A 214 -5.89 4.28 -3.83
N LEU A 215 -5.02 5.22 -4.18
CA LEU A 215 -4.98 6.53 -3.55
C LEU A 215 -5.89 7.53 -4.23
N ARG A 216 -6.87 7.05 -4.99
CA ARG A 216 -7.66 7.96 -5.82
C ARG A 216 -8.61 8.79 -5.00
N ALA A 217 -9.31 8.18 -4.05
CA ALA A 217 -10.32 8.89 -3.29
C ALA A 217 -9.72 9.79 -2.22
N ALA A 218 -8.47 9.59 -1.84
CA ALA A 218 -7.87 10.40 -0.79
C ALA A 218 -7.19 11.65 -1.32
N VAL A 219 -7.25 11.91 -2.61
CA VAL A 219 -6.69 13.12 -3.19
C VAL A 219 -7.42 14.40 -2.77
N PRO A 220 -8.76 14.54 -2.87
CA PRO A 220 -9.35 15.86 -2.56
C PRO A 220 -9.28 16.23 -1.10
N HIS A 221 -9.39 15.24 -0.19
CA HIS A 221 -9.20 15.51 1.23
C HIS A 221 -7.77 15.97 1.51
N TRP A 222 -6.80 15.42 0.79
CA TRP A 222 -5.42 15.83 0.98
C TRP A 222 -5.18 17.25 0.51
N LEU A 223 -5.76 17.61 -0.64
CA LEU A 223 -5.60 18.97 -1.15
C LEU A 223 -6.28 19.98 -0.24
N ALA A 224 -7.48 19.66 0.24
CA ALA A 224 -8.16 20.56 1.17
C ALA A 224 -7.44 20.62 2.51
N LYS A 225 -6.78 19.53 2.91
CA LYS A 225 -5.98 19.53 4.13
C LYS A 225 -4.80 20.48 4.02
N ARG A 226 -4.11 20.46 2.87
CA ARG A 226 -2.99 21.37 2.69
C ARG A 226 -3.44 22.83 2.63
N ALA A 227 -4.54 23.10 1.92
CA ALA A 227 -5.06 24.47 1.87
C ALA A 227 -5.52 24.95 3.25
N LEU A 228 -6.06 24.04 4.05
CA LEU A 228 -6.51 24.42 5.39
C LEU A 228 -5.35 24.68 6.33
N ILE A 229 -4.26 23.91 6.17
CA ILE A 229 -3.05 24.19 6.94
C ILE A 229 -2.48 25.56 6.59
N LEU A 230 -2.50 25.92 5.30
CA LEU A 230 -2.02 27.26 4.94
C LEU A 230 -2.97 28.36 5.43
N LEU A 231 -4.28 28.07 5.49
CA LEU A 231 -5.20 29.06 6.06
C LEU A 231 -4.97 29.25 7.55
N ILE A 232 -4.65 28.18 8.27
CA ILE A 232 -4.37 28.32 9.70
C ILE A 232 -3.05 29.07 9.91
N ASN A 233 -2.08 28.84 9.03
CA ASN A 233 -0.82 29.57 9.13
C ASN A 233 -0.98 31.05 8.81
N HIS A 234 -1.92 31.40 7.92
CA HIS A 234 -2.21 32.81 7.71
C HIS A 234 -3.10 33.40 8.78
N GLY A 235 -3.88 32.58 9.49
CA GLY A 235 -4.79 33.11 10.48
C GLY A 235 -4.19 33.31 11.86
N LEU A 236 -3.24 32.46 12.23
CA LEU A 236 -2.62 32.60 13.54
C LEU A 236 -1.74 33.84 13.62
N GLU A 237 -1.10 34.22 12.51
CA GLU A 237 -0.32 35.44 12.46
C GLU A 237 -1.17 36.69 12.64
N ARG A 238 -2.47 36.59 12.41
CA ARG A 238 -3.37 37.70 12.70
C ARG A 238 -3.93 37.62 14.10
N PHE A 239 -4.39 36.45 14.53
CA PHE A 239 -5.06 36.34 15.81
C PHE A 239 -4.13 36.20 17.01
N MET A 240 -2.82 36.09 16.81
CA MET A 240 -1.95 35.91 17.96
C MET A 240 -1.02 37.07 18.25
N ILE A 241 -0.64 37.87 17.26
CA ILE A 241 0.11 39.08 17.52
C ILE A 241 -0.67 40.33 17.15
N GLY A 242 -1.60 40.24 16.21
CA GLY A 242 -2.42 41.38 15.85
C GLY A 242 -1.73 42.30 14.87
N VAL A 243 -2.40 42.65 13.78
CA VAL A 243 -1.80 43.53 12.79
C VAL A 243 -1.83 44.96 13.29
N PRO A 244 -0.71 45.67 13.27
CA PRO A 244 -0.69 47.05 13.73
C PRO A 244 -1.07 48.03 12.62
N THR A 245 -1.77 49.08 13.03
CA THR A 245 -2.03 50.19 12.14
C THR A 245 -1.63 51.48 12.84
N LEU A 246 -1.31 52.49 12.03
CA LEU A 246 -0.79 53.74 12.55
C LEU A 246 -1.17 54.86 11.62
N THR A 247 -1.79 55.90 12.17
CA THR A 247 -2.26 57.04 11.40
C THR A 247 -1.37 58.24 11.67
N ILE A 248 -0.83 58.81 10.60
CA ILE A 248 0.02 60.00 10.67
C ILE A 248 -0.67 61.09 9.88
N PRO A 249 -0.34 62.35 10.14
CA PRO A 249 -0.82 63.43 9.26
C PRO A 249 -0.12 63.39 7.92
N LYS A 250 -0.67 64.16 6.98
CA LYS A 250 -0.20 64.17 5.60
C LYS A 250 1.14 64.88 5.42
N SER A 251 1.64 65.56 6.46
CA SER A 251 2.93 66.23 6.37
C SER A 251 4.07 65.24 6.19
N VAL A 252 3.96 64.06 6.79
CA VAL A 252 4.98 63.04 6.67
C VAL A 252 4.79 62.28 5.37
N ARG A 253 5.84 62.24 4.56
CA ARG A 253 5.84 61.46 3.33
C ARG A 253 6.89 60.36 3.44
N GLN A 254 7.04 59.60 2.37
CA GLN A 254 7.93 58.44 2.38
C GLN A 254 9.38 58.88 2.33
N GLY A 255 10.25 58.04 2.91
CA GLY A 255 11.67 58.30 2.92
C GLY A 255 12.14 59.36 3.88
N THR A 256 11.27 59.87 4.73
CA THR A 256 11.64 60.89 5.71
C THR A 256 12.05 60.22 7.01
N LYS A 257 12.57 61.04 7.93
CA LYS A 257 12.95 60.54 9.25
C LYS A 257 11.74 60.12 10.06
N GLN A 258 10.62 60.83 9.90
CA GLN A 258 9.39 60.42 10.57
C GLN A 258 8.83 59.13 9.98
N TRP A 259 9.01 58.95 8.67
CA TRP A 259 8.59 57.72 8.02
C TRP A 259 9.41 56.53 8.50
N GLU A 260 10.72 56.72 8.62
CA GLU A 260 11.59 55.68 9.19
C GLU A 260 11.28 55.44 10.65
N ALA A 261 10.88 56.48 11.38
CA ALA A 261 10.50 56.31 12.78
C ALA A 261 9.21 55.50 12.91
N ALA A 262 8.25 55.72 12.00
CA ALA A 262 7.02 54.93 12.01
C ALA A 262 7.29 53.48 11.64
N LYS A 263 8.19 53.26 10.66
CA LYS A 263 8.65 51.91 10.36
C LYS A 263 9.28 51.25 11.57
N GLU A 264 10.07 52.01 12.33
CA GLU A 264 10.73 51.48 13.52
C GLU A 264 9.73 51.14 14.60
N ILE A 265 8.68 51.96 14.75
CA ILE A 265 7.64 51.67 15.73
C ILE A 265 6.88 50.40 15.37
N VAL A 266 6.53 50.22 14.09
CA VAL A 266 5.80 49.02 13.68
C VAL A 266 6.68 47.78 13.80
N LYS A 267 7.95 47.90 13.41
CA LYS A 267 8.87 46.77 13.51
C LYS A 267 9.16 46.41 14.97
N ASN A 268 9.19 47.40 15.87
CA ASN A 268 9.37 47.08 17.27
C ASN A 268 8.10 46.52 17.89
N PHE A 269 6.93 46.90 17.39
CA PHE A 269 5.72 46.26 17.87
C PHE A 269 5.65 44.81 17.44
N VAL A 270 6.17 44.49 16.26
CA VAL A 270 6.19 43.10 15.82
C VAL A 270 7.25 42.32 16.58
N GLN A 271 8.48 42.82 16.60
CA GLN A 271 9.62 42.00 16.98
C GLN A 271 9.96 42.07 18.46
N LYS A 272 10.03 43.29 19.03
CA LYS A 272 10.48 43.50 20.41
C LYS A 272 9.37 44.19 21.18
N PRO A 273 8.34 43.47 21.62
CA PRO A 273 7.18 44.14 22.22
C PRO A 273 7.37 44.52 23.68
N ARG A 274 8.53 45.08 24.02
CA ARG A 274 8.84 45.54 25.36
C ARG A 274 9.47 46.91 25.39
N HIS A 275 9.91 47.46 24.25
CA HIS A 275 10.37 48.84 24.22
C HIS A 275 9.23 49.83 24.32
N GLY A 276 8.01 49.38 24.10
CA GLY A 276 6.85 50.24 24.24
C GLY A 276 6.66 51.15 23.05
N ILE A 277 5.59 51.92 23.10
CA ILE A 277 5.22 52.85 22.05
C ILE A 277 5.19 54.24 22.65
N ILE A 278 5.89 55.18 22.01
CA ILE A 278 5.93 56.57 22.44
C ILE A 278 5.45 57.40 21.26
N LEU A 279 4.35 58.08 21.44
CA LEU A 279 3.80 58.78 20.28
C LEU A 279 3.67 60.26 20.54
N PRO A 280 3.77 61.07 19.49
CA PRO A 280 3.24 62.43 19.56
C PRO A 280 1.73 62.40 19.67
N ASP A 281 1.17 63.54 20.08
CA ASP A 281 -0.25 63.67 20.38
C ASP A 281 -1.16 63.62 19.15
N ASP A 282 -0.62 63.43 17.95
CA ASP A 282 -1.43 63.29 16.75
C ASP A 282 -1.53 61.86 16.23
N TRP A 283 -0.54 61.02 16.51
CA TRP A 283 -0.53 59.67 15.96
C TRP A 283 -1.41 58.75 16.79
N LYS A 284 -2.15 57.88 16.10
CA LYS A 284 -3.05 56.94 16.76
C LYS A 284 -2.61 55.53 16.39
N PHE A 285 -1.79 54.94 17.24
CA PHE A 285 -1.45 53.53 17.06
C PHE A 285 -2.61 52.66 17.49
N ASP A 286 -2.86 51.61 16.72
CA ASP A 286 -4.01 50.76 16.95
C ASP A 286 -3.75 49.41 16.30
N THR A 287 -4.46 48.40 16.79
CA THR A 287 -4.54 47.12 16.11
C THR A 287 -5.85 47.05 15.35
N VAL A 288 -5.81 46.43 14.17
CA VAL A 288 -7.00 46.36 13.33
C VAL A 288 -7.97 45.37 13.96
N ASP A 289 -9.15 45.85 14.32
CA ASP A 289 -10.11 45.06 15.08
C ASP A 289 -10.85 44.14 14.13
N LEU A 290 -10.48 42.85 14.15
CA LEU A 290 -11.20 41.88 13.33
C LEU A 290 -12.59 41.60 13.87
N LYS A 291 -12.82 41.87 15.15
CA LYS A 291 -14.14 41.87 15.80
C LYS A 291 -14.80 40.51 15.76
N SER A 292 -13.99 39.45 15.76
CA SER A 292 -14.48 38.09 15.80
C SER A 292 -13.36 37.21 16.33
N ALA A 293 -13.73 36.18 17.09
CA ALA A 293 -12.72 35.23 17.53
C ALA A 293 -12.32 34.32 16.38
N MET A 294 -11.18 33.65 16.54
CA MET A 294 -10.74 32.72 15.52
C MET A 294 -11.60 31.46 15.57
N PRO A 295 -12.16 31.04 14.44
CA PRO A 295 -12.98 29.82 14.44
C PRO A 295 -12.11 28.58 14.59
N ASP A 296 -12.66 27.57 15.24
CA ASP A 296 -11.93 26.35 15.54
C ASP A 296 -11.86 25.51 14.27
N ALA A 297 -10.67 25.43 13.68
CA ALA A 297 -10.47 24.68 12.44
C ALA A 297 -10.05 23.24 12.68
N ILE A 298 -9.76 22.87 13.93
CA ILE A 298 -9.45 21.50 14.33
C ILE A 298 -10.51 20.47 13.90
N PRO A 299 -11.83 20.71 14.01
CA PRO A 299 -12.77 19.71 13.47
C PRO A 299 -12.70 19.53 11.97
N TYR A 300 -12.36 20.58 11.22
CA TYR A 300 -12.23 20.44 9.78
C TYR A 300 -10.97 19.66 9.41
N LEU A 301 -9.89 19.86 10.17
CA LEU A 301 -8.68 19.07 9.97
C LEU A 301 -8.92 17.60 10.27
N THR A 302 -9.61 17.31 11.39
CA THR A 302 -9.93 15.92 11.70
C THR A 302 -10.91 15.34 10.69
N TYR A 303 -11.77 16.18 10.10
CA TYR A 303 -12.69 15.68 9.09
C TYR A 303 -11.96 15.28 7.82
N HIS A 304 -11.02 16.10 7.35
CA HIS A 304 -10.30 15.69 6.15
C HIS A 304 -9.31 14.58 6.42
N ASP A 305 -8.77 14.50 7.64
CA ASP A 305 -7.92 13.37 7.97
C ASP A 305 -8.72 12.08 8.07
N ALA A 306 -9.95 12.18 8.58
CA ALA A 306 -10.87 11.06 8.56
C ALA A 306 -11.26 10.68 7.14
N GLY A 307 -11.36 11.67 6.24
CA GLY A 307 -11.63 11.36 4.86
C GLY A 307 -10.50 10.59 4.19
N ILE A 308 -9.26 10.97 4.49
CA ILE A 308 -8.10 10.26 3.94
C ILE A 308 -8.05 8.83 4.48
N ALA A 309 -8.17 8.68 5.81
CA ALA A 309 -8.06 7.35 6.39
C ALA A 309 -9.27 6.47 6.05
N ARG A 310 -10.41 7.09 5.75
CA ARG A 310 -11.57 6.32 5.31
C ARG A 310 -11.41 5.90 3.86
N ALA A 311 -10.81 6.75 3.04
CA ALA A 311 -10.55 6.39 1.65
C ALA A 311 -9.49 5.30 1.55
N LEU A 312 -8.58 5.23 2.50
CA LEU A 312 -7.61 4.15 2.49
C LEU A 312 -8.19 2.83 2.95
N GLY A 313 -9.35 2.84 3.59
CA GLY A 313 -9.97 1.61 4.05
C GLY A 313 -9.26 1.03 5.24
N ILE A 314 -9.29 1.75 6.36
CA ILE A 314 -8.68 1.29 7.60
C ILE A 314 -9.45 1.91 8.76
N ASP A 315 -9.54 1.18 9.86
CA ASP A 315 -10.24 1.70 11.02
C ASP A 315 -9.43 2.79 11.70
N PHE A 316 -10.11 3.56 12.54
CA PHE A 316 -9.50 4.69 13.22
C PHE A 316 -8.81 4.30 14.52
N ASN A 317 -8.71 3.01 14.82
CA ASN A 317 -8.00 2.60 16.01
C ASN A 317 -6.55 2.22 15.71
N THR A 318 -6.30 1.58 14.57
CA THR A 318 -4.93 1.21 14.22
C THR A 318 -4.11 2.43 13.87
N VAL A 319 -4.51 3.15 12.82
CA VAL A 319 -3.99 4.50 12.66
C VAL A 319 -4.57 5.37 13.76
N GLN A 320 -3.72 6.15 14.41
CA GLN A 320 -4.13 6.86 15.60
C GLN A 320 -4.98 8.07 15.23
N LEU A 321 -6.28 7.84 15.03
CA LEU A 321 -7.19 8.91 14.67
C LEU A 321 -8.46 8.87 15.49
N ASN A 322 -8.67 7.84 16.33
CA ASN A 322 -9.76 7.76 17.28
C ASN A 322 -9.66 8.93 18.24
N MET A 323 -10.55 9.90 18.10
CA MET A 323 -10.53 11.14 18.88
C MET A 323 -11.94 11.43 19.36
N GLY A 324 -12.30 10.89 20.52
CA GLY A 324 -13.58 11.20 21.12
C GLY A 324 -14.76 10.41 20.59
N VAL A 325 -14.55 9.57 19.58
CA VAL A 325 -15.62 8.77 19.04
C VAL A 325 -15.57 7.39 19.70
N GLN A 326 -16.71 6.71 19.72
CA GLN A 326 -16.85 5.51 20.54
C GLN A 326 -16.09 4.33 19.95
N ALA A 327 -15.55 3.49 20.82
CA ALA A 327 -14.89 2.28 20.40
C ALA A 327 -15.90 1.25 19.91
N VAL A 328 -15.39 0.27 19.17
CA VAL A 328 -16.24 -0.75 18.56
C VAL A 328 -16.72 -1.72 19.62
N ASN A 329 -18.03 -1.89 19.72
CA ASN A 329 -18.64 -2.74 20.73
C ASN A 329 -18.29 -4.22 20.52
N ILE A 330 -18.82 -4.83 19.45
CA ILE A 330 -18.56 -6.23 19.18
C ILE A 330 -17.95 -6.35 17.79
N GLY A 331 -18.33 -5.46 16.90
CA GLY A 331 -17.95 -5.58 15.50
C GLY A 331 -18.80 -6.59 14.77
N GLU A 332 -18.52 -6.72 13.49
CA GLU A 332 -19.22 -7.65 12.62
C GLU A 332 -18.47 -8.98 12.59
N PHE A 333 -18.79 -9.83 11.59
CA PHE A 333 -18.09 -11.10 11.43
C PHE A 333 -16.61 -10.90 11.15
N VAL A 334 -16.27 -9.85 10.38
CA VAL A 334 -14.90 -9.39 10.24
C VAL A 334 -14.89 -7.90 10.53
N SER A 335 -13.69 -7.32 10.51
CA SER A 335 -13.55 -5.89 10.69
C SER A 335 -13.39 -5.21 9.33
N LEU A 336 -13.21 -3.89 9.36
CA LEU A 336 -12.95 -3.16 8.12
C LEU A 336 -11.54 -3.43 7.61
N THR A 337 -10.54 -3.12 8.44
CA THR A 337 -9.16 -3.31 8.05
C THR A 337 -8.80 -4.78 7.88
N GLN A 338 -9.49 -5.68 8.58
CA GLN A 338 -9.25 -7.11 8.37
C GLN A 338 -9.74 -7.54 6.99
N GLN A 339 -10.89 -7.05 6.57
CA GLN A 339 -11.37 -7.40 5.24
C GLN A 339 -10.54 -6.75 4.15
N THR A 340 -10.06 -5.53 4.41
CA THR A 340 -9.15 -4.86 3.47
C THR A 340 -7.85 -5.63 3.31
N ILE A 341 -7.27 -6.06 4.42
CA ILE A 341 -5.99 -6.76 4.37
C ILE A 341 -6.16 -8.20 3.86
N ILE A 342 -7.36 -8.77 3.94
CA ILE A 342 -7.59 -10.06 3.30
C ILE A 342 -7.74 -9.88 1.79
N SER A 343 -8.53 -8.88 1.39
CA SER A 343 -8.79 -8.62 -0.02
C SER A 343 -7.56 -8.20 -0.79
N LEU A 344 -6.60 -7.54 -0.16
CA LEU A 344 -5.35 -7.27 -0.85
C LEU A 344 -4.45 -8.50 -1.00
N GLN A 345 -4.42 -9.35 0.02
CA GLN A 345 -3.65 -10.60 -0.07
C GLN A 345 -4.22 -11.51 -1.15
N ARG A 346 -5.54 -11.50 -1.31
CA ARG A 346 -6.15 -12.33 -2.35
C ARG A 346 -5.82 -11.81 -3.74
N GLU A 347 -5.76 -10.49 -3.91
CA GLU A 347 -5.37 -9.94 -5.21
C GLU A 347 -3.91 -10.22 -5.51
N PHE A 348 -3.04 -10.10 -4.50
CA PHE A 348 -1.62 -10.40 -4.69
C PHE A 348 -1.41 -11.86 -5.04
N ALA A 349 -2.09 -12.76 -4.32
CA ALA A 349 -1.95 -14.19 -4.59
C ALA A 349 -2.51 -14.57 -5.94
N SER A 350 -3.62 -13.92 -6.36
CA SER A 350 -4.18 -14.17 -7.67
C SER A 350 -3.25 -13.71 -8.78
N ALA A 351 -2.61 -12.55 -8.59
CA ALA A 351 -1.70 -12.04 -9.61
C ALA A 351 -0.45 -12.92 -9.72
N VAL A 352 0.09 -13.37 -8.58
CA VAL A 352 1.23 -14.28 -8.59
C VAL A 352 0.87 -15.59 -9.27
N ASN A 353 -0.23 -16.21 -8.84
CA ASN A 353 -0.67 -17.50 -9.38
C ASN A 353 -1.06 -17.43 -10.84
N LEU A 354 -1.47 -16.26 -11.34
CA LEU A 354 -1.79 -16.18 -12.76
C LEU A 354 -0.59 -15.86 -13.63
N TYR A 355 0.38 -15.09 -13.15
CA TYR A 355 1.43 -14.65 -14.05
C TYR A 355 2.79 -15.29 -13.78
N LEU A 356 3.19 -15.45 -12.53
CA LEU A 356 4.55 -15.90 -12.28
C LEU A 356 4.68 -17.42 -12.40
N ILE A 357 3.76 -18.15 -11.78
CA ILE A 357 3.80 -19.62 -11.70
C ILE A 357 3.73 -20.32 -13.06
N PRO A 358 2.86 -19.96 -14.03
CA PRO A 358 2.92 -20.66 -15.32
C PRO A 358 4.17 -20.36 -16.14
N LYS A 359 4.84 -19.23 -15.88
CA LYS A 359 6.10 -18.96 -16.55
C LYS A 359 7.27 -19.67 -15.90
N LEU A 360 7.04 -20.36 -14.78
CA LEU A 360 8.06 -21.15 -14.12
C LEU A 360 7.85 -22.64 -14.30
N VAL A 361 6.61 -23.10 -14.23
CA VAL A 361 6.34 -24.54 -14.27
C VAL A 361 6.44 -25.07 -15.70
N LEU A 362 5.76 -24.39 -16.63
CA LEU A 362 5.73 -24.86 -18.01
C LEU A 362 7.07 -24.87 -18.74
N PRO A 363 8.02 -23.95 -18.54
CA PRO A 363 9.36 -24.19 -19.12
C PRO A 363 10.13 -25.33 -18.49
N ASN A 364 9.75 -25.79 -17.30
CA ASN A 364 10.41 -26.95 -16.70
C ASN A 364 9.56 -28.21 -16.68
N TRP A 365 8.24 -28.08 -16.88
CA TRP A 365 7.37 -29.24 -17.09
C TRP A 365 6.34 -28.85 -18.13
N PRO A 366 6.53 -29.23 -19.40
CA PRO A 366 5.54 -28.89 -20.42
C PRO A 366 4.24 -29.65 -20.25
N GLY A 367 4.27 -30.82 -19.63
CA GLY A 367 3.08 -31.64 -19.45
C GLY A 367 2.25 -31.30 -18.24
N ALA A 368 2.46 -30.15 -17.61
CA ALA A 368 1.69 -29.76 -16.45
C ALA A 368 0.37 -29.12 -16.87
N THR A 369 -0.68 -29.39 -16.10
CA THR A 369 -2.00 -28.82 -16.36
C THR A 369 -2.69 -28.27 -15.13
N ARG A 370 -2.21 -28.57 -13.93
CA ARG A 370 -2.77 -28.00 -12.70
C ARG A 370 -1.61 -27.45 -11.90
N PHE A 371 -1.46 -26.14 -11.89
CA PHE A 371 -0.34 -25.51 -11.25
C PHE A 371 -0.53 -25.51 -9.74
N PRO A 372 0.56 -25.62 -8.98
CA PRO A 372 0.46 -25.41 -7.53
C PRO A 372 0.17 -23.95 -7.23
N ARG A 373 -0.59 -23.75 -6.16
CA ARG A 373 -1.16 -22.45 -5.86
C ARG A 373 -0.50 -21.84 -4.64
N LEU A 374 -0.55 -20.52 -4.57
CA LEU A 374 -0.04 -19.76 -3.44
C LEU A 374 -1.20 -19.24 -2.62
N THR A 375 -1.25 -19.64 -1.34
CA THR A 375 -2.34 -19.26 -0.47
C THR A 375 -1.76 -18.99 0.91
N PHE A 376 -2.28 -17.98 1.58
CA PHE A 376 -1.92 -17.68 2.95
C PHE A 376 -2.74 -18.52 3.92
N GLU A 377 -2.30 -18.56 5.17
CA GLU A 377 -3.07 -19.20 6.22
C GLU A 377 -4.12 -18.24 6.75
N MET A 378 -5.36 -18.71 6.86
CA MET A 378 -6.45 -17.89 7.40
C MET A 378 -6.27 -17.79 8.91
N GLU A 379 -5.68 -16.69 9.36
CA GLU A 379 -5.39 -16.51 10.76
C GLU A 379 -6.66 -16.24 11.56
N GLU A 380 -6.64 -16.62 12.84
CA GLU A 380 -7.79 -16.46 13.72
C GLU A 380 -7.28 -16.42 15.14
N ARG A 381 -7.31 -15.24 15.76
CA ARG A 381 -6.81 -15.08 17.11
C ARG A 381 -7.80 -15.69 18.09
N ASN A 382 -7.47 -16.89 18.58
CA ASN A 382 -8.30 -17.59 19.54
C ASN A 382 -7.56 -17.73 20.87
N ASP A 383 -8.31 -18.12 21.90
CA ASP A 383 -7.73 -18.23 23.23
C ASP A 383 -6.83 -19.45 23.32
N PHE A 384 -5.65 -19.27 23.90
CA PHE A 384 -4.77 -20.39 24.16
C PHE A 384 -5.28 -21.25 25.30
N SER A 385 -6.03 -20.65 26.24
CA SER A 385 -6.53 -21.40 27.39
C SER A 385 -7.60 -22.41 26.99
N ALA A 386 -8.37 -22.11 25.95
CA ALA A 386 -9.31 -23.10 25.42
C ALA A 386 -8.56 -24.27 24.80
N ALA A 387 -7.50 -23.97 24.06
CA ALA A 387 -6.64 -25.02 23.52
C ALA A 387 -5.91 -25.77 24.62
N ALA A 388 -5.57 -25.07 25.70
CA ALA A 388 -4.93 -25.73 26.84
C ALA A 388 -5.89 -26.70 27.54
N ASN A 389 -7.14 -26.29 27.71
CA ASN A 389 -8.13 -27.17 28.32
C ASN A 389 -8.44 -28.36 27.42
N LEU A 390 -8.48 -28.12 26.10
CA LEU A 390 -8.69 -29.20 25.15
C LEU A 390 -7.53 -30.20 25.18
N MET A 391 -6.30 -29.70 25.23
CA MET A 391 -5.14 -30.58 25.31
C MET A 391 -5.11 -31.33 26.63
N GLY A 392 -5.57 -30.71 27.71
CA GLY A 392 -5.69 -31.41 28.99
C GLY A 392 -6.70 -32.54 28.92
N MET A 393 -7.83 -32.31 28.25
CA MET A 393 -8.78 -33.39 28.02
C MET A 393 -8.18 -34.50 27.16
N LEU A 394 -7.36 -34.13 26.18
CA LEU A 394 -6.71 -35.11 25.32
C LEU A 394 -5.75 -36.00 26.11
N ILE A 395 -4.90 -35.39 26.94
CA ILE A 395 -3.97 -36.21 27.72
C ILE A 395 -4.67 -36.94 28.84
N ASN A 396 -5.85 -36.47 29.28
CA ASN A 396 -6.69 -37.29 30.15
C ASN A 396 -7.16 -38.54 29.43
N ALA A 397 -7.46 -38.41 28.14
CA ALA A 397 -7.85 -39.59 27.37
C ALA A 397 -6.65 -40.52 27.12
N VAL A 398 -5.45 -39.97 26.97
CA VAL A 398 -4.27 -40.79 26.69
C VAL A 398 -3.73 -41.45 27.96
N LYS A 399 -4.11 -40.92 29.13
CA LYS A 399 -3.44 -41.23 30.41
C LYS A 399 -3.53 -42.71 30.77
N ASP A 400 -4.65 -43.35 30.46
CA ASP A 400 -4.79 -44.76 30.79
C ASP A 400 -4.01 -45.68 29.86
N SER A 401 -3.60 -45.19 28.69
CA SER A 401 -2.83 -46.00 27.76
C SER A 401 -1.37 -46.06 28.19
N GLU A 402 -0.70 -47.13 27.79
CA GLU A 402 0.69 -47.32 28.16
C GLU A 402 1.59 -46.41 27.34
N ASP A 403 1.62 -46.60 26.02
CA ASP A 403 2.47 -45.79 25.16
C ASP A 403 1.77 -44.47 24.90
N ILE A 404 2.29 -43.41 25.51
CA ILE A 404 1.74 -42.06 25.38
C ILE A 404 1.90 -41.46 23.98
N PRO A 405 3.10 -41.36 23.38
CA PRO A 405 3.23 -40.41 22.25
C PRO A 405 2.59 -40.85 20.95
N THR A 406 2.68 -42.13 20.61
CA THR A 406 2.15 -42.58 19.31
C THR A 406 0.62 -42.60 19.32
N GLU A 407 0.03 -43.11 20.40
CA GLU A 407 -1.43 -43.06 20.54
C GLU A 407 -1.91 -41.62 20.69
N LEU A 408 -1.09 -40.77 21.31
CA LEU A 408 -1.38 -39.33 21.38
C LEU A 408 -1.43 -38.70 20.00
N LYS A 409 -0.46 -39.02 19.14
CA LYS A 409 -0.46 -38.45 17.80
C LYS A 409 -1.55 -39.04 16.93
N ALA A 410 -1.96 -40.29 17.22
CA ALA A 410 -3.14 -40.85 16.57
C ALA A 410 -4.40 -40.07 16.95
N LEU A 411 -4.51 -39.71 18.24
CA LEU A 411 -5.62 -38.88 18.67
C LEU A 411 -5.53 -37.47 18.08
N ILE A 412 -4.32 -36.97 17.86
CA ILE A 412 -4.14 -35.63 17.28
C ILE A 412 -4.58 -35.60 15.83
N ASP A 413 -4.07 -36.51 15.00
CA ASP A 413 -4.47 -36.46 13.60
C ASP A 413 -5.84 -37.09 13.36
N ALA A 414 -6.45 -37.69 14.38
CA ALA A 414 -7.86 -38.06 14.29
C ALA A 414 -8.80 -36.88 14.47
N LEU A 415 -8.29 -35.71 14.88
CA LEU A 415 -9.14 -34.56 15.12
C LEU A 415 -9.62 -33.93 13.81
N PRO A 416 -10.68 -33.12 13.86
CA PRO A 416 -11.03 -32.31 12.69
C PRO A 416 -9.98 -31.25 12.41
N SER A 417 -10.06 -30.69 11.20
CA SER A 417 -8.98 -29.87 10.67
C SER A 417 -8.89 -28.52 11.37
N LYS A 418 -10.03 -27.96 11.77
CA LYS A 418 -10.01 -26.63 12.39
C LYS A 418 -9.40 -26.68 13.78
N MET A 419 -9.77 -27.69 14.57
CA MET A 419 -9.19 -27.84 15.90
C MET A 419 -7.71 -28.22 15.80
N ARG A 420 -7.35 -29.02 14.80
CA ARG A 420 -5.96 -29.40 14.59
C ARG A 420 -5.11 -28.21 14.19
N ARG A 421 -5.68 -27.29 13.41
CA ARG A 421 -5.01 -26.03 13.14
C ARG A 421 -4.95 -25.16 14.39
N ALA A 422 -5.97 -25.23 15.24
CA ALA A 422 -6.01 -24.38 16.43
C ALA A 422 -5.01 -24.84 17.49
N LEU A 423 -4.68 -26.14 17.52
CA LEU A 423 -3.62 -26.59 18.41
C LEU A 423 -2.23 -26.17 17.95
N GLY A 424 -2.10 -25.78 16.68
CA GLY A 424 -0.82 -25.35 16.15
C GLY A 424 0.00 -26.43 15.52
N VAL A 425 -0.45 -27.69 15.61
CA VAL A 425 0.24 -28.76 14.89
C VAL A 425 -0.09 -28.67 13.41
N VAL A 426 0.94 -28.81 12.58
CA VAL A 426 0.77 -28.74 11.14
C VAL A 426 0.74 -30.14 10.58
N ASP A 427 0.24 -30.26 9.35
CA ASP A 427 0.16 -31.53 8.68
C ASP A 427 1.53 -31.92 8.12
N GLU A 428 1.59 -33.13 7.56
CA GLU A 428 2.81 -33.60 6.93
C GLU A 428 3.01 -33.02 5.54
N VAL A 429 1.98 -32.40 4.95
CA VAL A 429 2.07 -31.92 3.57
C VAL A 429 2.99 -30.69 3.51
N ARG A 430 2.79 -29.74 4.42
CA ARG A 430 3.61 -28.53 4.41
C ARG A 430 5.04 -28.82 4.85
N GLU A 431 5.24 -29.72 5.82
CA GLU A 431 6.59 -30.06 6.21
C GLU A 431 7.26 -30.97 5.19
N ALA A 432 6.50 -31.62 4.32
CA ALA A 432 7.08 -32.39 3.22
C ALA A 432 7.31 -31.54 1.99
N VAL A 433 6.67 -30.37 1.89
CA VAL A 433 6.92 -29.47 0.77
C VAL A 433 7.93 -28.39 1.11
N ARG A 434 8.25 -28.18 2.39
CA ARG A 434 9.23 -27.17 2.78
C ARG A 434 10.61 -27.78 3.04
N GLN A 435 10.70 -28.73 3.95
CA GLN A 435 12.00 -29.24 4.39
C GLN A 435 12.68 -30.14 3.35
N PRO A 436 11.96 -31.02 2.61
CA PRO A 436 12.70 -31.56 1.47
C PRO A 436 12.79 -30.58 0.32
#